data_3RL6
#
_entry.id   3RL6
#
_cell.length_a   58.730
_cell.length_b   60.900
_cell.length_c   154.920
_cell.angle_alpha   90.00
_cell.angle_beta   90.00
_cell.angle_gamma   90.00
#
_symmetry.space_group_name_H-M   'P 21 21 21'
#
loop_
_entity.id
_entity.type
_entity.pdbx_description
1 polymer 'Archaeal asparagine synthetase A'
2 non-polymer ASPARAGINE
3 non-polymer 'ADENOSINE MONOPHOSPHATE'
4 non-polymer 'MAGNESIUM ION'
5 water water
#
_entity_poly.entity_id   1
_entity_poly.type   'polypeptide(L)'
_entity_poly.pdbx_seq_one_letter_code
;MNAVEIISRDIYKAIDIQTKILDYMTKFFTDRGFKWLLPIMLSPITDPLWPDPAGEGIRPAEVDVYGVRMRLTHSMILHK
QLAIAMGLEKIFVLSPNIRLESRRKDDGRHSYEFTQLDFEIEGAKMKDVMRLIEELIYGLFRKAEEWTGREFPRARHFKV
YDYKDILEEFGSDEKASMEMEEPFWIVNIPREFYDREENGVWKNYDLILPYGYGEVSSGGEREWEYEKIVAKIRAAGLKE
DSFRPYLEIARAGKLKPSAGAGIGVERLVRFIVGAKHIAEVQPFPRVPGIPAVI
;
_entity_poly.pdbx_strand_id   A,B
#
loop_
_chem_comp.id
_chem_comp.type
_chem_comp.name
_chem_comp.formula
AMP non-polymer 'ADENOSINE MONOPHOSPHATE' 'C10 H14 N5 O7 P'
MG non-polymer 'MAGNESIUM ION' 'Mg 2'
#
# COMPACT_ATOMS: atom_id res chain seq x y z
N MET A 1 -15.06 12.86 -13.90
CA MET A 1 -15.09 12.78 -15.36
C MET A 1 -15.11 11.32 -15.81
N ASN A 2 -15.40 11.08 -17.08
CA ASN A 2 -15.53 9.72 -17.61
C ASN A 2 -14.18 9.05 -17.89
N ALA A 3 -14.21 7.72 -18.02
CA ALA A 3 -13.01 6.90 -18.15
C ALA A 3 -12.02 7.42 -19.20
N VAL A 4 -12.52 7.69 -20.42
CA VAL A 4 -11.63 8.13 -21.49
C VAL A 4 -11.02 9.50 -21.24
N GLU A 5 -11.77 10.38 -20.59
CA GLU A 5 -11.22 11.68 -20.19
C GLU A 5 -10.09 11.51 -19.18
N ILE A 6 -10.28 10.59 -18.23
CA ILE A 6 -9.28 10.32 -17.20
C ILE A 6 -7.94 9.83 -17.77
N ILE A 7 -8.01 8.78 -18.59
CA ILE A 7 -6.80 8.23 -19.19
C ILE A 7 -6.16 9.20 -20.21
N SER A 8 -6.90 10.23 -20.60
CA SER A 8 -6.35 11.21 -21.55
C SER A 8 -5.56 12.31 -20.86
N ARG A 9 -5.70 12.42 -19.55
CA ARG A 9 -4.99 13.47 -18.81
C ARG A 9 -3.49 13.32 -18.97
N ASP A 10 -2.78 14.44 -18.85
CA ASP A 10 -1.32 14.43 -18.92
C ASP A 10 -0.75 14.54 -17.51
N ILE A 11 -0.26 13.42 -16.98
CA ILE A 11 0.26 13.42 -15.63
C ILE A 11 1.60 12.70 -15.56
N TYR A 12 2.24 12.49 -16.71
CA TYR A 12 3.55 11.87 -16.75
C TYR A 12 4.52 12.60 -15.80
N LYS A 13 4.47 13.93 -15.80
CA LYS A 13 5.41 14.70 -14.99
C LYS A 13 5.22 14.43 -13.51
N ALA A 14 3.95 14.40 -13.06
CA ALA A 14 3.65 14.16 -11.64
C ALA A 14 4.09 12.78 -11.20
N ILE A 15 3.87 11.78 -12.05
CA ILE A 15 4.26 10.42 -11.72
C ILE A 15 5.79 10.25 -11.69
N ASP A 16 6.48 11.01 -12.52
CA ASP A 16 7.95 10.97 -12.50
C ASP A 16 8.50 11.56 -11.20
N ILE A 17 7.90 12.67 -10.78
CA ILE A 17 8.26 13.29 -9.51
C ILE A 17 7.93 12.34 -8.34
N GLN A 18 6.74 11.73 -8.39
CA GLN A 18 6.31 10.80 -7.35
C GLN A 18 7.30 9.66 -7.18
N THR A 19 7.79 9.14 -8.30
CA THR A 19 8.74 8.04 -8.27
C THR A 19 10.03 8.43 -7.55
N LYS A 20 10.53 9.62 -7.86
CA LYS A 20 11.74 10.13 -7.22
C LYS A 20 11.52 10.40 -5.73
N ILE A 21 10.32 10.86 -5.38
CA ILE A 21 9.98 11.13 -3.99
C ILE A 21 9.91 9.85 -3.16
N LEU A 22 9.24 8.83 -3.70
CA LEU A 22 9.12 7.54 -3.02
C LEU A 22 10.48 6.87 -2.82
N ASP A 23 11.33 7.05 -3.82
CA ASP A 23 12.67 6.48 -3.79
C ASP A 23 13.46 7.20 -2.71
N TYR A 24 13.34 8.52 -2.70
CA TYR A 24 14.03 9.31 -1.70
C TYR A 24 13.59 9.00 -0.27
N MET A 25 12.28 8.92 -0.01
CA MET A 25 11.77 8.78 1.36
C MET A 25 12.00 7.40 1.95
N THR A 26 11.83 6.36 1.13
CA THR A 26 12.00 5.01 1.63
C THR A 26 13.48 4.75 1.93
N LYS A 27 14.37 5.31 1.10
CA LYS A 27 15.80 5.21 1.35
C LYS A 27 16.18 5.98 2.61
N PHE A 28 15.50 7.10 2.84
CA PHE A 28 15.78 7.92 4.02
C PHE A 28 15.60 7.11 5.29
N PHE A 29 14.52 6.35 5.34
CA PHE A 29 14.21 5.56 6.51
C PHE A 29 15.03 4.26 6.58
N THR A 30 15.18 3.56 5.46
CA THR A 30 15.97 2.32 5.53
C THR A 30 17.43 2.62 5.88
N ASP A 31 17.97 3.72 5.36
CA ASP A 31 19.33 4.17 5.72
C ASP A 31 19.50 4.36 7.21
N ARG A 32 18.40 4.69 7.90
CA ARG A 32 18.45 4.97 9.33
C ARG A 32 18.05 3.79 10.19
N GLY A 33 17.98 2.60 9.59
CA GLY A 33 17.69 1.40 10.34
C GLY A 33 16.22 1.12 10.58
N PHE A 34 15.32 1.83 9.91
CA PHE A 34 13.89 1.50 10.04
C PHE A 34 13.55 0.19 9.32
N LYS A 35 12.62 -0.55 9.90
CA LYS A 35 12.03 -1.73 9.26
C LYS A 35 10.87 -1.29 8.36
N TRP A 36 10.73 -1.97 7.23
CA TRP A 36 9.71 -1.64 6.23
C TRP A 36 8.59 -2.66 6.29
N LEU A 37 7.42 -2.20 6.75
CA LEU A 37 6.24 -3.06 6.93
C LEU A 37 5.27 -2.95 5.77
N LEU A 38 4.48 -4.00 5.57
CA LEU A 38 3.43 -4.01 4.57
C LEU A 38 2.11 -3.57 5.22
N PRO A 39 1.22 -2.99 4.41
CA PRO A 39 -0.02 -2.43 4.99
C PRO A 39 -1.08 -3.48 5.31
N ILE A 40 -1.99 -3.15 6.21
CA ILE A 40 -3.21 -3.94 6.33
C ILE A 40 -4.38 -3.04 5.96
N MET A 41 -5.33 -3.59 5.22
CA MET A 41 -6.48 -2.83 4.73
C MET A 41 -7.79 -3.13 5.47
N LEU A 42 -7.85 -4.28 6.17
CA LEU A 42 -9.04 -4.72 6.88
C LEU A 42 -8.71 -5.18 8.31
N SER A 43 -9.43 -4.65 9.28
CA SER A 43 -9.19 -5.00 10.67
C SER A 43 -10.42 -4.69 11.49
N PRO A 44 -10.61 -5.42 12.61
CA PRO A 44 -11.72 -5.13 13.50
C PRO A 44 -11.61 -3.73 14.06
N ILE A 45 -10.38 -3.22 14.17
CA ILE A 45 -10.17 -1.90 14.74
C ILE A 45 -9.46 -0.94 13.77
N THR A 46 -9.79 0.35 13.87
CA THR A 46 -9.07 1.37 13.11
C THR A 46 -9.11 2.75 13.80
N ASP A 47 -8.30 3.66 13.26
CA ASP A 47 -8.21 5.03 13.76
C ASP A 47 -9.61 5.65 13.75
N PRO A 48 -10.09 6.13 14.92
CA PRO A 48 -11.40 6.80 14.98
C PRO A 48 -11.43 8.13 14.22
N LEU A 49 -10.28 8.78 14.07
CA LEU A 49 -10.19 10.10 13.44
C LEU A 49 -11.10 11.10 14.14
N TRP A 50 -11.27 10.91 15.45
CA TRP A 50 -12.17 11.73 16.27
C TRP A 50 -11.82 11.50 17.75
N PRO A 51 -11.86 12.55 18.58
CA PRO A 51 -12.03 13.95 18.18
C PRO A 51 -10.86 14.39 17.30
N ASP A 52 -11.12 15.40 16.48
CA ASP A 52 -10.08 15.94 15.62
C ASP A 52 -10.64 17.17 14.94
N PRO A 53 -10.05 18.35 15.20
CA PRO A 53 -10.51 19.60 14.62
C PRO A 53 -10.50 19.58 13.10
N ALA A 54 -9.69 18.70 12.52
CA ALA A 54 -9.56 18.66 11.07
C ALA A 54 -10.60 17.73 10.43
N GLY A 55 -11.42 17.07 11.24
CA GLY A 55 -12.35 16.09 10.69
C GLY A 55 -13.80 16.45 10.95
N GLU A 56 -14.72 15.73 10.31
CA GLU A 56 -16.16 15.92 10.52
C GLU A 56 -16.80 14.75 11.26
N GLY A 57 -15.98 13.78 11.64
CA GLY A 57 -16.45 12.62 12.39
C GLY A 57 -16.98 11.49 11.53
N ILE A 58 -16.25 11.12 10.47
CA ILE A 58 -16.68 10.05 9.56
C ILE A 58 -16.60 8.67 10.19
N ARG A 59 -17.44 7.76 9.69
CA ARG A 59 -17.37 6.37 10.08
C ARG A 59 -16.64 5.60 9.00
N PRO A 60 -15.80 4.65 9.41
CA PRO A 60 -15.01 3.82 8.50
C PRO A 60 -15.92 2.97 7.60
N ALA A 61 -15.54 2.80 6.35
CA ALA A 61 -16.23 1.86 5.49
C ALA A 61 -16.12 0.49 6.15
N GLU A 62 -17.13 -0.35 5.99
CA GLU A 62 -17.11 -1.66 6.62
C GLU A 62 -17.46 -2.75 5.62
N VAL A 63 -16.96 -3.96 5.87
CA VAL A 63 -17.28 -5.09 5.01
C VAL A 63 -17.15 -6.36 5.86
N ASP A 64 -17.97 -7.37 5.59
CA ASP A 64 -17.88 -8.62 6.34
C ASP A 64 -16.79 -9.50 5.80
N VAL A 65 -16.05 -10.12 6.70
CA VAL A 65 -15.04 -11.09 6.35
C VAL A 65 -15.34 -12.37 7.13
N TYR A 66 -15.70 -13.43 6.42
CA TYR A 66 -16.21 -14.65 7.06
C TYR A 66 -17.28 -14.36 8.14
N GLY A 67 -18.20 -13.44 7.80
CA GLY A 67 -19.31 -13.10 8.67
C GLY A 67 -18.99 -12.05 9.74
N VAL A 68 -17.73 -11.63 9.80
CA VAL A 68 -17.30 -10.71 10.85
C VAL A 68 -17.05 -9.30 10.30
N ARG A 69 -17.56 -8.30 11.00
CA ARG A 69 -17.44 -6.92 10.52
C ARG A 69 -15.97 -6.47 10.57
N MET A 70 -15.48 -5.95 9.46
CA MET A 70 -14.12 -5.40 9.39
C MET A 70 -14.20 -3.96 8.89
N ARG A 71 -13.34 -3.11 9.42
CA ARG A 71 -13.30 -1.74 8.97
C ARG A 71 -12.14 -1.56 8.01
N LEU A 72 -12.37 -0.82 6.93
CA LEU A 72 -11.30 -0.46 6.01
C LEU A 72 -10.43 0.59 6.71
N THR A 73 -9.13 0.50 6.46
CA THR A 73 -8.17 1.31 7.20
C THR A 73 -8.39 2.80 7.09
N HIS A 74 -8.70 3.44 8.21
CA HIS A 74 -8.67 4.90 8.32
C HIS A 74 -7.22 5.35 8.45
N SER A 75 -6.48 4.72 9.35
CA SER A 75 -5.02 4.83 9.38
C SER A 75 -4.47 3.68 10.21
N MET A 76 -3.19 3.39 10.07
CA MET A 76 -2.59 2.26 10.78
C MET A 76 -2.00 2.62 12.15
N ILE A 77 -2.40 3.77 12.71
CA ILE A 77 -1.85 4.23 14.00
C ILE A 77 -1.80 3.14 15.09
N LEU A 78 -2.92 2.43 15.28
CA LEU A 78 -2.97 1.41 16.32
C LEU A 78 -2.06 0.24 15.98
N HIS A 79 -2.05 -0.15 14.70
CA HIS A 79 -1.12 -1.15 14.23
C HIS A 79 0.36 -0.76 14.35
N LYS A 80 0.65 0.53 14.17
CA LYS A 80 2.02 1.02 14.39
C LYS A 80 2.44 0.82 15.84
N GLN A 81 1.53 1.11 16.78
CA GLN A 81 1.84 0.88 18.20
C GLN A 81 2.02 -0.61 18.50
N LEU A 82 1.20 -1.44 17.89
CA LEU A 82 1.36 -2.87 18.07
C LEU A 82 2.68 -3.37 17.50
N ALA A 83 3.15 -2.78 16.40
CA ALA A 83 4.45 -3.16 15.84
C ALA A 83 5.58 -2.82 16.80
N ILE A 84 5.46 -1.68 17.48
CA ILE A 84 6.44 -1.28 18.47
C ILE A 84 6.41 -2.28 19.64
N ALA A 85 5.20 -2.73 19.97
CA ALA A 85 5.03 -3.72 21.04
C ALA A 85 5.63 -5.08 20.67
N MET A 86 5.82 -5.34 19.37
CA MET A 86 6.46 -6.58 18.94
C MET A 86 7.97 -6.42 18.88
N GLY A 87 8.47 -5.28 19.35
CA GLY A 87 9.91 -5.06 19.44
C GLY A 87 10.62 -4.64 18.15
N LEU A 88 9.90 -4.07 17.20
CA LEU A 88 10.53 -3.75 15.92
C LEU A 88 11.28 -2.41 15.91
N GLU A 89 11.16 -1.65 17.00
CA GLU A 89 11.99 -0.46 17.31
C GLU A 89 11.73 0.81 16.49
N LYS A 90 11.86 0.70 15.19
CA LYS A 90 11.68 1.81 14.27
C LYS A 90 11.02 1.21 13.05
N ILE A 91 9.82 1.67 12.70
CA ILE A 91 9.10 1.07 11.58
C ILE A 91 8.51 2.12 10.66
N PHE A 92 8.31 1.76 9.39
CA PHE A 92 7.48 2.58 8.52
C PHE A 92 6.71 1.71 7.56
N VAL A 93 5.64 2.26 7.00
CA VAL A 93 4.82 1.56 6.04
C VAL A 93 4.25 2.58 5.05
N LEU A 94 4.21 2.22 3.77
CA LEU A 94 3.46 2.99 2.77
C LEU A 94 2.00 2.54 2.88
N SER A 95 1.26 3.22 3.73
CA SER A 95 -0.09 2.79 4.11
C SER A 95 -1.19 3.48 3.32
N PRO A 96 -1.95 2.71 2.52
CA PRO A 96 -3.14 3.31 1.89
C PRO A 96 -4.22 3.51 2.94
N ASN A 97 -4.99 4.58 2.81
CA ASN A 97 -6.12 4.84 3.70
C ASN A 97 -7.37 5.06 2.85
N ILE A 98 -8.52 4.68 3.40
CA ILE A 98 -9.81 5.01 2.79
C ILE A 98 -10.55 5.90 3.79
N ARG A 99 -10.90 7.10 3.36
CA ARG A 99 -11.61 8.04 4.22
C ARG A 99 -12.71 8.69 3.40
N LEU A 100 -13.93 8.26 3.67
CA LEU A 100 -15.05 8.65 2.82
C LEU A 100 -15.59 10.00 3.26
N GLU A 101 -14.80 11.05 3.09
CA GLU A 101 -15.19 12.37 3.57
C GLU A 101 -16.17 13.03 2.61
N SER A 102 -16.81 14.10 3.06
CA SER A 102 -17.90 14.71 2.33
C SER A 102 -17.37 15.67 1.28
N ARG A 103 -18.28 16.15 0.44
CA ARG A 103 -18.00 17.22 -0.52
C ARG A 103 -17.40 18.47 0.12
N ARG A 104 -17.66 18.67 1.41
CA ARG A 104 -17.19 19.87 2.11
C ARG A 104 -15.67 19.84 2.31
N LYS A 105 -15.07 18.65 2.19
CA LYS A 105 -13.61 18.53 2.27
C LYS A 105 -12.96 18.44 0.88
N ASP A 106 -13.71 18.64 -0.19
CA ASP A 106 -13.09 18.71 -1.52
C ASP A 106 -12.49 20.08 -1.78
N ASP A 107 -11.31 20.29 -1.18
CA ASP A 107 -10.68 21.60 -1.15
C ASP A 107 -9.39 21.66 -1.97
N GLY A 108 -9.12 20.60 -2.74
CA GLY A 108 -7.91 20.50 -3.54
C GLY A 108 -6.81 19.70 -2.87
N ARG A 109 -7.02 19.37 -1.60
CA ARG A 109 -6.00 18.78 -0.76
C ARG A 109 -6.41 17.37 -0.30
N HIS A 110 -7.69 17.03 -0.46
CA HIS A 110 -8.20 15.74 0.02
C HIS A 110 -8.60 14.79 -1.12
N SER A 111 -8.33 13.50 -0.92
CA SER A 111 -8.89 12.44 -1.77
C SER A 111 -9.37 11.33 -0.85
N TYR A 112 -10.37 10.56 -1.28
CA TYR A 112 -10.95 9.56 -0.38
C TYR A 112 -10.15 8.26 -0.32
N GLU A 113 -9.18 8.12 -1.23
CA GLU A 113 -8.13 7.11 -1.12
C GLU A 113 -6.79 7.81 -1.30
N PHE A 114 -5.84 7.55 -0.39
CA PHE A 114 -4.49 8.12 -0.52
C PHE A 114 -3.50 7.24 0.26
N THR A 115 -2.21 7.52 0.11
CA THR A 115 -1.17 6.77 0.85
C THR A 115 -0.43 7.74 1.74
N GLN A 116 -0.18 7.32 2.97
CA GLN A 116 0.72 8.07 3.83
C GLN A 116 1.90 7.20 4.19
N LEU A 117 3.08 7.79 4.15
CA LEU A 117 4.25 7.12 4.69
C LEU A 117 4.16 7.28 6.18
N ASP A 118 3.81 6.19 6.86
CA ASP A 118 3.48 6.23 8.28
C ASP A 118 4.64 5.62 9.06
N PHE A 119 5.21 6.34 10.03
CA PHE A 119 6.36 5.78 10.76
C PHE A 119 6.23 5.94 12.27
N GLU A 120 6.95 5.11 13.00
CA GLU A 120 6.87 5.10 14.45
C GLU A 120 8.23 4.71 15.06
N ILE A 121 8.56 5.30 16.20
CA ILE A 121 9.86 5.10 16.82
C ILE A 121 9.72 4.89 18.32
N GLU A 122 10.17 3.73 18.81
CA GLU A 122 10.12 3.43 20.25
C GLU A 122 10.92 4.48 21.04
N GLY A 123 10.35 4.97 22.13
CA GLY A 123 11.02 5.91 23.01
C GLY A 123 11.22 7.34 22.54
N ALA A 124 10.82 7.67 21.30
CA ALA A 124 11.08 9.00 20.77
C ALA A 124 10.18 10.09 21.38
N LYS A 125 10.68 11.32 21.38
CA LYS A 125 9.94 12.47 21.88
C LYS A 125 9.51 13.35 20.71
N MET A 126 8.61 14.28 20.97
CA MET A 126 8.13 15.11 19.87
C MET A 126 9.26 15.91 19.22
N LYS A 127 10.22 16.40 20.01
CA LYS A 127 11.31 17.17 19.37
C LYS A 127 12.12 16.27 18.43
N ASP A 128 12.34 15.03 18.83
CA ASP A 128 13.08 14.07 17.99
C ASP A 128 12.41 13.82 16.63
N VAL A 129 11.12 13.52 16.66
CA VAL A 129 10.39 13.28 15.42
C VAL A 129 10.32 14.55 14.56
N MET A 130 10.07 15.70 15.19
CA MET A 130 9.99 16.93 14.42
C MET A 130 11.32 17.20 13.72
N ARG A 131 12.43 16.97 14.42
CA ARG A 131 13.75 17.21 13.83
C ARG A 131 14.04 16.25 12.69
N LEU A 132 13.58 15.01 12.84
CA LEU A 132 13.78 14.02 11.79
C LEU A 132 13.01 14.41 10.55
N ILE A 133 11.78 14.86 10.75
CA ILE A 133 10.97 15.30 9.64
C ILE A 133 11.58 16.52 8.92
N GLU A 134 12.07 17.49 9.67
CA GLU A 134 12.77 18.63 9.05
C GLU A 134 13.96 18.16 8.20
N GLU A 135 14.73 17.23 8.75
CA GLU A 135 15.84 16.67 8.02
C GLU A 135 15.38 16.05 6.70
N LEU A 136 14.33 15.25 6.77
CA LEU A 136 13.77 14.59 5.58
C LEU A 136 13.32 15.64 4.56
N ILE A 137 12.58 16.63 5.05
CA ILE A 137 11.97 17.64 4.17
C ILE A 137 13.01 18.55 3.54
N TYR A 138 13.95 19.05 4.34
CA TYR A 138 15.00 19.91 3.82
C TYR A 138 15.72 19.21 2.68
N GLY A 139 16.10 17.96 2.93
CA GLY A 139 16.83 17.19 1.93
C GLY A 139 16.02 16.91 0.68
N LEU A 140 14.73 16.68 0.88
CA LEU A 140 13.80 16.47 -0.23
C LEU A 140 13.70 17.71 -1.10
N PHE A 141 13.55 18.85 -0.47
CA PHE A 141 13.42 20.11 -1.21
C PHE A 141 14.68 20.43 -2.03
N ARG A 142 15.85 20.13 -1.48
CA ARG A 142 17.10 20.31 -2.20
C ARG A 142 17.14 19.41 -3.44
N LYS A 143 16.72 18.15 -3.30
CA LYS A 143 16.68 17.26 -4.46
C LYS A 143 15.64 17.75 -5.45
N ALA A 144 14.50 18.25 -4.95
CA ALA A 144 13.43 18.74 -5.84
C ALA A 144 13.87 19.91 -6.73
N GLU A 145 14.76 20.75 -6.21
CA GLU A 145 15.29 21.85 -7.03
C GLU A 145 16.05 21.30 -8.24
N GLU A 146 16.75 20.20 -8.07
CA GLU A 146 17.48 19.58 -9.18
C GLU A 146 16.55 18.87 -10.14
N TRP A 147 15.52 18.22 -9.61
CA TRP A 147 14.59 17.49 -10.46
C TRP A 147 13.77 18.43 -11.34
N THR A 148 13.42 19.60 -10.81
CA THR A 148 12.44 20.48 -11.44
C THR A 148 13.07 21.73 -12.06
N GLY A 149 14.19 22.18 -11.50
CA GLY A 149 14.82 23.41 -11.92
C GLY A 149 14.22 24.63 -11.23
N ARG A 150 13.18 24.43 -10.44
CA ARG A 150 12.54 25.52 -9.72
C ARG A 150 13.07 25.59 -8.30
N GLU A 151 12.84 26.72 -7.62
CA GLU A 151 13.33 26.88 -6.26
C GLU A 151 12.25 26.50 -5.24
N PHE A 152 12.71 25.98 -4.10
CA PHE A 152 11.83 25.56 -3.03
C PHE A 152 12.26 26.19 -1.72
N PRO A 153 11.37 26.19 -0.70
CA PRO A 153 11.70 26.76 0.61
C PRO A 153 13.04 26.23 1.12
N ARG A 154 13.87 27.12 1.66
CA ARG A 154 15.25 26.79 1.99
C ARG A 154 15.47 26.52 3.48
N ALA A 155 14.46 26.75 4.31
CA ALA A 155 14.58 26.61 5.76
C ALA A 155 15.08 25.22 6.16
N ARG A 156 16.04 25.19 7.09
CA ARG A 156 16.53 23.92 7.61
C ARG A 156 15.72 23.49 8.83
N HIS A 157 15.19 24.46 9.58
CA HIS A 157 14.23 24.19 10.64
C HIS A 157 13.01 25.12 10.48
N PHE A 158 11.87 24.73 11.04
CA PHE A 158 10.65 25.48 10.81
C PHE A 158 10.15 26.07 12.12
N LYS A 159 9.43 27.19 12.04
CA LYS A 159 8.93 27.84 13.25
C LYS A 159 7.82 27.01 13.87
N VAL A 160 7.59 27.18 15.17
CA VAL A 160 6.60 26.37 15.89
C VAL A 160 5.55 27.27 16.51
N TYR A 161 4.27 26.95 16.30
CA TYR A 161 3.15 27.72 16.82
C TYR A 161 2.19 26.80 17.56
N ASP A 162 1.70 27.24 18.70
CA ASP A 162 0.58 26.60 19.38
C ASP A 162 -0.71 26.70 18.57
N TYR A 163 -1.43 25.60 18.51
CA TYR A 163 -2.75 25.54 17.91
C TYR A 163 -3.63 26.72 18.34
N LYS A 164 -3.68 26.97 19.64
CA LYS A 164 -4.49 28.05 20.22
C LYS A 164 -4.09 29.44 19.71
N ASP A 165 -2.80 29.69 19.55
CA ASP A 165 -2.30 30.93 18.96
C ASP A 165 -2.54 31.08 17.46
N ILE A 166 -2.52 29.96 16.74
CA ILE A 166 -2.92 29.97 15.33
C ILE A 166 -4.37 30.43 15.20
N LEU A 167 -5.27 29.85 16.00
CA LEU A 167 -6.69 30.20 15.89
C LEU A 167 -6.94 31.68 16.16
N GLU A 168 -6.30 32.19 17.21
CA GLU A 168 -6.50 33.58 17.58
C GLU A 168 -5.87 34.52 16.56
N GLU A 169 -4.68 34.17 16.06
CA GLU A 169 -4.00 35.07 15.14
C GLU A 169 -4.50 35.03 13.70
N PHE A 170 -4.66 33.82 13.17
CA PHE A 170 -5.04 33.65 11.78
C PHE A 170 -6.48 33.20 11.60
N GLY A 171 -7.05 32.57 12.62
CA GLY A 171 -8.40 32.06 12.55
C GLY A 171 -8.49 30.59 12.18
N SER A 172 -7.45 30.08 11.53
CA SER A 172 -7.43 28.69 11.04
C SER A 172 -6.06 28.38 10.45
N ASP A 173 -5.70 27.10 10.42
CA ASP A 173 -4.44 26.70 9.81
C ASP A 173 -4.45 26.91 8.31
N GLU A 174 -5.65 26.91 7.74
CA GLU A 174 -5.85 27.18 6.32
C GLU A 174 -5.36 28.58 5.99
N LYS A 175 -5.84 29.55 6.78
CA LYS A 175 -5.44 30.94 6.62
C LYS A 175 -3.97 31.15 6.99
N ALA A 176 -3.51 30.47 8.04
CA ALA A 176 -2.10 30.54 8.40
C ALA A 176 -1.25 30.12 7.21
N SER A 177 -1.64 29.03 6.56
CA SER A 177 -0.89 28.48 5.42
C SER A 177 -0.83 29.48 4.27
N MET A 178 -1.92 30.18 4.03
CA MET A 178 -1.98 31.13 2.92
C MET A 178 -1.01 32.27 3.13
N GLU A 179 -0.74 32.60 4.40
CA GLU A 179 0.08 33.77 4.69
C GLU A 179 1.57 33.46 4.81
N MET A 180 1.91 32.19 4.98
CA MET A 180 3.30 31.80 5.21
C MET A 180 4.00 31.44 3.92
N GLU A 181 5.34 31.53 3.92
CA GLU A 181 6.15 31.25 2.73
C GLU A 181 7.20 30.18 2.99
N GLU A 182 7.16 29.60 4.19
CA GLU A 182 8.02 28.48 4.53
C GLU A 182 7.14 27.49 5.28
N PRO A 183 7.51 26.19 5.29
CA PRO A 183 6.76 25.26 6.14
C PRO A 183 6.81 25.68 7.60
N PHE A 184 5.79 25.31 8.36
CA PHE A 184 5.76 25.62 9.79
C PHE A 184 5.01 24.56 10.59
N TRP A 185 5.34 24.46 11.87
CA TRP A 185 4.71 23.50 12.77
C TRP A 185 3.54 24.09 13.55
N ILE A 186 2.46 23.33 13.66
CA ILE A 186 1.42 23.63 14.62
C ILE A 186 1.37 22.50 15.64
N VAL A 187 1.48 22.85 16.92
CA VAL A 187 1.57 21.85 17.97
C VAL A 187 0.48 21.99 19.01
N ASN A 188 0.32 20.95 19.83
CA ASN A 188 -0.60 21.02 20.96
C ASN A 188 -2.05 21.13 20.49
N ILE A 189 -2.52 20.09 19.81
CA ILE A 189 -3.85 20.03 19.22
C ILE A 189 -4.66 18.94 19.93
N PRO A 190 -5.71 19.33 20.68
CA PRO A 190 -6.51 18.26 21.34
C PRO A 190 -7.18 17.39 20.30
N ARG A 191 -6.89 16.09 20.31
CA ARG A 191 -7.51 15.21 19.32
C ARG A 191 -7.66 13.75 19.78
N GLU A 192 -7.24 12.78 18.98
CA GLU A 192 -7.52 11.36 19.23
C GLU A 192 -6.87 10.83 20.51
N PHE A 193 -7.47 9.79 21.09
CA PHE A 193 -7.00 9.23 22.35
C PHE A 193 -5.53 8.79 22.32
N TYR A 194 -5.05 8.34 21.16
CA TYR A 194 -3.68 7.85 21.06
C TYR A 194 -2.55 8.90 21.14
N ASP A 195 -2.85 10.18 20.90
CA ASP A 195 -1.82 11.21 21.06
C ASP A 195 -1.66 11.50 22.55
N ARG A 196 -0.42 11.61 23.03
CA ARG A 196 -0.15 11.80 24.45
C ARG A 196 -0.60 13.17 24.98
N GLU A 197 -1.32 13.17 26.09
CA GLU A 197 -1.72 14.40 26.75
C GLU A 197 -1.17 14.39 28.18
N GLU A 198 -0.57 15.51 28.59
CA GLU A 198 -0.05 15.64 29.94
C GLU A 198 -0.40 17.03 30.50
N ASN A 199 -1.20 17.04 31.57
CA ASN A 199 -1.64 18.27 32.21
C ASN A 199 -2.18 19.30 31.22
N GLY A 200 -3.07 18.85 30.34
CA GLY A 200 -3.70 19.71 29.36
C GLY A 200 -2.82 20.09 28.20
N VAL A 201 -1.62 19.51 28.11
CA VAL A 201 -0.75 19.77 26.97
C VAL A 201 -0.66 18.54 26.06
N TRP A 202 -0.98 18.71 24.79
CA TRP A 202 -0.92 17.61 23.84
C TRP A 202 0.44 17.58 23.15
N LYS A 203 1.10 16.41 23.16
CA LYS A 203 2.46 16.30 22.64
C LYS A 203 2.42 15.90 21.17
N ASN A 204 1.82 16.74 20.33
CA ASN A 204 1.64 16.42 18.93
C ASN A 204 1.97 17.60 18.03
N TYR A 205 2.00 17.36 16.73
CA TYR A 205 2.55 18.33 15.79
C TYR A 205 2.00 18.07 14.41
N ASP A 206 1.65 19.13 13.69
CA ASP A 206 1.32 19.06 12.28
C ASP A 206 2.32 19.93 11.53
N LEU A 207 2.86 19.40 10.43
CA LEU A 207 3.68 20.19 9.51
C LEU A 207 2.81 20.80 8.42
N ILE A 208 2.85 22.11 8.29
CA ILE A 208 2.01 22.82 7.33
C ILE A 208 2.85 23.41 6.20
N LEU A 209 2.45 23.16 4.95
CA LEU A 209 3.16 23.72 3.82
C LEU A 209 2.71 25.15 3.58
N PRO A 210 3.57 25.97 2.95
CA PRO A 210 3.24 27.38 2.70
C PRO A 210 2.35 27.56 1.48
N TYR A 211 1.94 28.80 1.23
CA TYR A 211 1.25 29.16 0.00
C TYR A 211 -0.13 28.52 -0.16
N GLY A 212 -0.74 28.19 0.97
CA GLY A 212 -2.08 27.68 0.96
C GLY A 212 -2.16 26.19 0.72
N TYR A 213 -1.01 25.52 0.60
CA TYR A 213 -1.02 24.09 0.35
C TYR A 213 -1.49 23.25 1.52
N GLY A 214 -1.39 23.80 2.73
CA GLY A 214 -1.96 23.15 3.90
C GLY A 214 -1.12 22.01 4.48
N GLU A 215 -1.72 21.29 5.42
CA GLU A 215 -1.06 20.22 6.18
C GLU A 215 -0.51 19.15 5.26
N VAL A 216 0.72 18.69 5.55
CA VAL A 216 1.32 17.60 4.78
C VAL A 216 1.73 16.43 5.68
N SER A 217 1.83 16.69 6.99
CA SER A 217 2.25 15.66 7.93
C SER A 217 1.60 15.89 9.28
N SER A 218 1.38 14.82 10.02
CA SER A 218 0.76 14.89 11.35
C SER A 218 1.31 13.77 12.20
N GLY A 219 1.61 14.02 13.47
CA GLY A 219 2.07 12.94 14.34
C GLY A 219 1.98 13.32 15.80
N GLY A 220 2.54 12.47 16.65
CA GLY A 220 2.58 12.77 18.06
C GLY A 220 3.33 11.70 18.85
N GLU A 221 3.70 12.06 20.07
CA GLU A 221 4.00 11.05 21.12
C GLU A 221 2.72 10.29 21.46
N ARG A 222 2.82 9.09 22.02
CA ARG A 222 1.61 8.29 22.24
C ARG A 222 1.30 8.04 23.71
N GLU A 223 0.02 7.80 23.99
CA GLU A 223 -0.40 7.19 25.25
C GLU A 223 -0.05 5.71 25.18
N TRP A 224 0.30 5.11 26.31
CA TRP A 224 0.57 3.69 26.38
C TRP A 224 -0.09 3.02 27.60
N GLU A 225 -0.57 3.83 28.54
CA GLU A 225 -1.18 3.29 29.77
C GLU A 225 -2.66 3.00 29.58
N TYR A 226 -3.08 1.78 29.94
CA TYR A 226 -4.48 1.35 29.80
C TYR A 226 -5.50 2.32 30.40
N GLU A 227 -5.30 2.69 31.66
CA GLU A 227 -6.30 3.50 32.37
C GLU A 227 -6.46 4.90 31.77
N LYS A 228 -5.33 5.48 31.39
CA LYS A 228 -5.32 6.80 30.76
C LYS A 228 -6.03 6.71 29.42
N ILE A 229 -5.72 5.65 28.67
CA ILE A 229 -6.28 5.48 27.35
C ILE A 229 -7.78 5.30 27.39
N VAL A 230 -8.25 4.39 28.25
CA VAL A 230 -9.66 4.10 28.35
C VAL A 230 -10.44 5.34 28.80
N ALA A 231 -9.85 6.12 29.70
CA ALA A 231 -10.53 7.33 30.17
C ALA A 231 -10.75 8.33 29.03
N LYS A 232 -9.79 8.41 28.12
CA LYS A 232 -9.90 9.38 27.03
C LYS A 232 -10.94 8.91 26.04
N ILE A 233 -10.95 7.62 25.74
CA ILE A 233 -11.98 7.06 24.85
C ILE A 233 -13.39 7.34 25.42
N ARG A 234 -13.55 7.07 26.71
CA ARG A 234 -14.85 7.26 27.34
C ARG A 234 -15.29 8.74 27.30
N ALA A 235 -14.35 9.66 27.54
CA ALA A 235 -14.68 11.08 27.62
C ALA A 235 -15.05 11.64 26.26
N ALA A 236 -14.50 11.06 25.19
CA ALA A 236 -14.89 11.46 23.84
C ALA A 236 -16.23 10.84 23.41
N GLY A 237 -16.80 9.97 24.25
CA GLY A 237 -18.04 9.30 23.90
C GLY A 237 -17.88 8.20 22.87
N LEU A 238 -16.64 7.75 22.67
CA LEU A 238 -16.38 6.61 21.80
C LEU A 238 -16.61 5.33 22.62
N LYS A 239 -16.66 4.19 21.95
CA LYS A 239 -16.96 2.92 22.61
C LYS A 239 -15.71 2.03 22.76
N GLU A 240 -15.46 1.56 23.98
CA GLU A 240 -14.38 0.62 24.22
C GLU A 240 -14.49 -0.57 23.30
N ASP A 241 -15.73 -0.95 23.01
CA ASP A 241 -16.02 -2.07 22.12
C ASP A 241 -15.34 -1.93 20.75
N SER A 242 -15.11 -0.69 20.32
CA SER A 242 -14.51 -0.44 19.01
C SER A 242 -13.00 -0.69 18.96
N PHE A 243 -12.38 -0.93 20.11
CA PHE A 243 -10.92 -1.07 20.21
C PHE A 243 -10.55 -2.26 21.07
N ARG A 244 -11.45 -3.25 21.14
CA ARG A 244 -11.30 -4.32 22.12
C ARG A 244 -9.91 -5.00 22.17
N PRO A 245 -9.43 -5.53 21.02
CA PRO A 245 -8.15 -6.25 21.07
C PRO A 245 -6.93 -5.37 21.42
N TYR A 246 -6.96 -4.12 20.96
CA TYR A 246 -5.93 -3.14 21.32
C TYR A 246 -5.94 -2.84 22.81
N LEU A 247 -7.12 -2.68 23.39
CA LEU A 247 -7.20 -2.43 24.83
C LEU A 247 -6.76 -3.64 25.64
N GLU A 248 -6.97 -4.84 25.09
CA GLU A 248 -6.46 -6.04 25.74
C GLU A 248 -4.93 -5.97 25.85
N ILE A 249 -4.29 -5.51 24.79
CA ILE A 249 -2.84 -5.42 24.77
C ILE A 249 -2.39 -4.31 25.73
N ALA A 250 -3.12 -3.21 25.75
CA ALA A 250 -2.80 -2.12 26.68
C ALA A 250 -3.00 -2.59 28.13
N ARG A 251 -4.07 -3.33 28.37
CA ARG A 251 -4.37 -3.80 29.73
C ARG A 251 -3.25 -4.70 30.27
N ALA A 252 -2.67 -5.50 29.39
CA ALA A 252 -1.57 -6.39 29.71
C ALA A 252 -0.25 -5.66 29.94
N GLY A 253 -0.24 -4.35 29.69
CA GLY A 253 0.92 -3.53 29.94
C GLY A 253 1.95 -3.64 28.83
N LYS A 254 1.50 -3.98 27.63
CA LYS A 254 2.44 -4.27 26.55
C LYS A 254 2.66 -3.14 25.52
N LEU A 255 1.95 -2.04 25.68
CA LEU A 255 2.22 -0.86 24.86
C LEU A 255 3.44 -0.15 25.46
N LYS A 256 4.29 0.41 24.60
CA LYS A 256 5.48 1.16 25.04
C LYS A 256 5.38 2.62 24.59
N PRO A 257 6.03 3.54 25.33
CA PRO A 257 6.15 4.92 24.88
C PRO A 257 6.76 4.97 23.48
N SER A 258 6.21 5.83 22.62
CA SER A 258 6.76 5.98 21.28
C SER A 258 6.27 7.27 20.69
N ALA A 259 6.85 7.66 19.55
CA ALA A 259 6.33 8.78 18.79
C ALA A 259 6.50 8.50 17.31
N GLY A 260 5.65 9.09 16.48
CA GLY A 260 5.82 8.99 15.04
C GLY A 260 5.01 10.00 14.27
N ALA A 261 4.75 9.69 13.02
CA ALA A 261 4.02 10.59 12.14
C ALA A 261 3.61 9.87 10.89
N GLY A 262 2.69 10.50 10.15
CA GLY A 262 2.36 10.08 8.80
C GLY A 262 2.63 11.24 7.86
N ILE A 263 3.17 10.97 6.68
CA ILE A 263 3.43 11.99 5.67
C ILE A 263 2.60 11.74 4.41
N GLY A 264 1.76 12.71 4.02
CA GLY A 264 0.92 12.52 2.85
C GLY A 264 1.72 12.49 1.56
N VAL A 265 1.81 11.32 0.91
CA VAL A 265 2.59 11.20 -0.32
C VAL A 265 2.04 12.06 -1.48
N GLU A 266 0.76 11.88 -1.81
CA GLU A 266 0.17 12.66 -2.89
C GLU A 266 0.19 14.16 -2.60
N ARG A 267 -0.02 14.54 -1.34
CA ARG A 267 0.02 15.95 -0.96
C ARG A 267 1.42 16.51 -1.22
N LEU A 268 2.43 15.71 -0.93
CA LEU A 268 3.81 16.12 -1.19
C LEU A 268 4.09 16.25 -2.69
N VAL A 269 3.66 15.25 -3.47
CA VAL A 269 3.78 15.31 -4.92
C VAL A 269 3.10 16.57 -5.48
N ARG A 270 1.88 16.84 -5.02
CA ARG A 270 1.12 18.03 -5.45
C ARG A 270 1.92 19.31 -5.22
N PHE A 271 2.48 19.44 -4.02
CA PHE A 271 3.30 20.61 -3.69
C PHE A 271 4.49 20.79 -4.65
N ILE A 272 5.19 19.70 -4.95
CA ILE A 272 6.42 19.81 -5.75
C ILE A 272 6.14 20.09 -7.23
N VAL A 273 5.06 19.55 -7.77
CA VAL A 273 4.67 19.90 -9.13
C VAL A 273 3.84 21.18 -9.22
N GLY A 274 3.35 21.68 -8.09
CA GLY A 274 2.55 22.89 -8.07
C GLY A 274 1.15 22.70 -8.64
N ALA A 275 0.58 21.53 -8.40
CA ALA A 275 -0.76 21.23 -8.87
C ALA A 275 -1.83 21.96 -8.05
N LYS A 276 -2.80 22.52 -8.75
CA LYS A 276 -3.92 23.21 -8.14
C LYS A 276 -4.78 22.26 -7.29
N HIS A 277 -5.02 21.06 -7.82
CA HIS A 277 -5.88 20.07 -7.16
C HIS A 277 -5.18 18.70 -7.10
N ILE A 278 -5.19 18.08 -5.93
CA ILE A 278 -4.54 16.77 -5.74
C ILE A 278 -4.96 15.71 -6.78
N ALA A 279 -6.18 15.79 -7.28
CA ALA A 279 -6.63 14.85 -8.32
C ALA A 279 -5.71 14.85 -9.54
N GLU A 280 -5.02 15.96 -9.78
CA GLU A 280 -4.13 16.05 -10.93
C GLU A 280 -2.88 15.18 -10.82
N VAL A 281 -2.58 14.67 -9.62
CA VAL A 281 -1.40 13.80 -9.46
C VAL A 281 -1.76 12.33 -9.27
N GLN A 282 -3.04 12.03 -9.43
CA GLN A 282 -3.51 10.66 -9.27
C GLN A 282 -3.97 10.08 -10.60
N PRO A 283 -3.38 8.95 -11.02
CA PRO A 283 -3.86 8.36 -12.27
C PRO A 283 -5.36 8.08 -12.19
N PHE A 284 -5.84 7.68 -11.01
CA PHE A 284 -7.26 7.39 -10.83
C PHE A 284 -7.85 8.24 -9.69
N PRO A 285 -8.39 9.42 -10.04
CA PRO A 285 -8.83 10.38 -9.03
C PRO A 285 -9.87 9.82 -8.05
N ARG A 286 -9.77 10.26 -6.81
CA ARG A 286 -10.69 9.84 -5.76
C ARG A 286 -11.19 11.10 -5.06
N VAL A 287 -12.10 11.81 -5.73
CA VAL A 287 -12.58 13.11 -5.26
C VAL A 287 -13.62 12.96 -4.16
N PRO A 288 -13.42 13.63 -3.03
CA PRO A 288 -14.35 13.46 -1.91
C PRO A 288 -15.79 13.77 -2.31
N GLY A 289 -16.69 12.84 -2.03
CA GLY A 289 -18.10 13.03 -2.32
C GLY A 289 -18.51 12.59 -3.71
N ILE A 290 -17.54 12.25 -4.56
CA ILE A 290 -17.84 11.79 -5.93
C ILE A 290 -17.28 10.39 -6.18
N PRO A 291 -18.17 9.41 -6.42
CA PRO A 291 -17.74 8.02 -6.69
C PRO A 291 -16.92 7.97 -7.96
N ALA A 292 -15.71 7.41 -7.88
CA ALA A 292 -14.84 7.32 -9.04
C ALA A 292 -15.40 6.39 -10.11
N VAL A 293 -15.16 6.70 -11.37
CA VAL A 293 -15.63 5.86 -12.48
C VAL A 293 -14.69 4.69 -12.71
N ILE A 294 -13.40 4.91 -12.47
CA ILE A 294 -12.39 3.85 -12.44
C ILE A 294 -11.50 4.02 -11.21
N MET B 1 -5.06 -17.84 18.33
CA MET B 1 -4.29 -16.83 19.02
C MET B 1 -5.16 -15.60 19.29
N ASN B 2 -5.15 -15.14 20.53
CA ASN B 2 -5.79 -13.88 20.87
C ASN B 2 -4.84 -12.72 20.55
N ALA B 3 -5.26 -11.48 20.86
CA ALA B 3 -4.49 -10.33 20.44
C ALA B 3 -3.11 -10.32 21.09
N VAL B 4 -3.07 -10.64 22.38
CA VAL B 4 -1.82 -10.63 23.12
C VAL B 4 -0.81 -11.67 22.61
N GLU B 5 -1.30 -12.88 22.32
CA GLU B 5 -0.42 -13.91 21.73
C GLU B 5 0.13 -13.49 20.37
N ILE B 6 -0.70 -12.89 19.53
CA ILE B 6 -0.23 -12.45 18.22
C ILE B 6 0.98 -11.53 18.36
N ILE B 7 0.90 -10.56 19.26
CA ILE B 7 1.98 -9.59 19.38
C ILE B 7 3.17 -10.09 20.23
N SER B 8 3.02 -11.26 20.84
CA SER B 8 4.11 -11.86 21.61
C SER B 8 5.03 -12.78 20.80
N ARG B 9 4.71 -13.01 19.53
CA ARG B 9 5.57 -13.79 18.65
C ARG B 9 6.89 -13.06 18.38
N ASP B 10 7.91 -13.83 18.00
CA ASP B 10 9.16 -13.27 17.51
C ASP B 10 9.09 -13.15 15.99
N ILE B 11 9.28 -11.94 15.46
CA ILE B 11 9.12 -11.74 14.04
C ILE B 11 10.18 -10.79 13.51
N TYR B 12 11.13 -10.44 14.37
CA TYR B 12 12.13 -9.45 13.99
C TYR B 12 12.96 -9.86 12.76
N LYS B 13 13.43 -11.10 12.74
CA LYS B 13 14.26 -11.57 11.63
C LYS B 13 13.52 -11.55 10.30
N ALA B 14 12.28 -12.03 10.29
CA ALA B 14 11.47 -12.02 9.08
C ALA B 14 11.24 -10.60 8.57
N ILE B 15 11.00 -9.67 9.47
CA ILE B 15 10.80 -8.26 9.08
C ILE B 15 12.09 -7.64 8.56
N ASP B 16 13.20 -8.00 9.20
CA ASP B 16 14.52 -7.57 8.75
C ASP B 16 14.77 -8.01 7.29
N ILE B 17 14.57 -9.30 7.03
CA ILE B 17 14.63 -9.84 5.66
C ILE B 17 13.67 -9.12 4.71
N GLN B 18 12.43 -8.93 5.14
CA GLN B 18 11.44 -8.24 4.32
C GLN B 18 11.91 -6.87 3.87
N THR B 19 12.50 -6.11 4.80
CA THR B 19 12.98 -4.78 4.53
C THR B 19 14.07 -4.80 3.45
N LYS B 20 14.97 -5.76 3.56
CA LYS B 20 16.02 -5.96 2.57
C LYS B 20 15.44 -6.38 1.23
N ILE B 21 14.40 -7.19 1.26
CA ILE B 21 13.76 -7.63 0.02
C ILE B 21 13.04 -6.49 -0.70
N LEU B 22 12.28 -5.70 0.07
CA LEU B 22 11.58 -4.55 -0.50
C LEU B 22 12.59 -3.51 -1.01
N ASP B 23 13.67 -3.31 -0.28
CA ASP B 23 14.66 -2.33 -0.70
C ASP B 23 15.28 -2.78 -2.01
N TYR B 24 15.64 -4.06 -2.08
CA TYR B 24 16.21 -4.63 -3.29
C TYR B 24 15.27 -4.57 -4.50
N MET B 25 14.03 -5.02 -4.33
CA MET B 25 13.07 -5.07 -5.44
C MET B 25 12.65 -3.69 -5.95
N THR B 26 12.30 -2.77 -5.05
CA THR B 26 11.87 -1.46 -5.51
C THR B 26 13.00 -0.79 -6.30
N LYS B 27 14.23 -0.93 -5.80
CA LYS B 27 15.40 -0.39 -6.49
C LYS B 27 15.63 -1.06 -7.86
N PHE B 28 15.40 -2.36 -7.95
CA PHE B 28 15.55 -3.08 -9.21
C PHE B 28 14.69 -2.44 -10.28
N PHE B 29 13.45 -2.09 -9.92
CA PHE B 29 12.54 -1.52 -10.88
C PHE B 29 12.81 -0.03 -11.14
N THR B 30 13.10 0.76 -10.12
CA THR B 30 13.40 2.18 -10.38
C THR B 30 14.69 2.35 -11.20
N ASP B 31 15.67 1.46 -10.98
CA ASP B 31 16.91 1.46 -11.77
C ASP B 31 16.66 1.25 -13.26
N ARG B 32 15.56 0.61 -13.59
CA ARG B 32 15.29 0.25 -14.97
C ARG B 32 14.22 1.15 -15.55
N GLY B 33 14.02 2.30 -14.91
CA GLY B 33 13.14 3.32 -15.45
C GLY B 33 11.64 3.09 -15.25
N PHE B 34 11.28 2.24 -14.28
CA PHE B 34 9.85 2.04 -13.99
C PHE B 34 9.32 3.21 -13.17
N LYS B 35 8.10 3.61 -13.47
CA LYS B 35 7.37 4.57 -12.62
C LYS B 35 6.74 3.85 -11.42
N TRP B 36 6.81 4.48 -10.26
CA TRP B 36 6.32 3.89 -9.02
C TRP B 36 4.95 4.46 -8.70
N LEU B 37 3.91 3.67 -8.90
CA LEU B 37 2.55 4.08 -8.65
C LEU B 37 2.07 3.70 -7.26
N LEU B 38 1.03 4.37 -6.81
CA LEU B 38 0.38 4.07 -5.54
C LEU B 38 -0.84 3.20 -5.82
N PRO B 39 -1.23 2.37 -4.85
CA PRO B 39 -2.32 1.43 -5.16
C PRO B 39 -3.70 2.07 -5.04
N ILE B 40 -4.70 1.35 -5.52
CA ILE B 40 -6.07 1.69 -5.19
C ILE B 40 -6.79 0.45 -4.66
N MET B 41 -7.70 0.66 -3.72
CA MET B 41 -8.36 -0.43 -3.01
C MET B 41 -9.84 -0.54 -3.34
N LEU B 42 -10.40 0.50 -3.96
CA LEU B 42 -11.83 0.54 -4.27
C LEU B 42 -12.08 1.01 -5.69
N SER B 43 -12.84 0.22 -6.44
CA SER B 43 -13.13 0.56 -7.82
C SER B 43 -14.38 -0.14 -8.31
N PRO B 44 -15.04 0.43 -9.31
CA PRO B 44 -16.14 -0.31 -9.95
C PRO B 44 -15.65 -1.60 -10.60
N ILE B 45 -14.36 -1.71 -10.91
CA ILE B 45 -13.85 -2.89 -11.60
C ILE B 45 -12.65 -3.51 -10.88
N THR B 46 -12.56 -4.84 -10.90
CA THR B 46 -11.35 -5.50 -10.40
C THR B 46 -11.11 -6.85 -11.08
N ASP B 47 -9.92 -7.42 -10.84
CA ASP B 47 -9.56 -8.75 -11.35
C ASP B 47 -10.67 -9.75 -11.05
N PRO B 48 -11.17 -10.48 -12.07
CA PRO B 48 -12.22 -11.46 -11.80
C PRO B 48 -11.69 -12.75 -11.20
N LEU B 49 -10.39 -13.00 -11.34
CA LEU B 49 -9.76 -14.18 -10.75
C LEU B 49 -10.42 -15.46 -11.23
N ARG B 59 -16.01 -14.07 -5.64
CA ARG B 59 -16.81 -12.87 -5.49
C ARG B 59 -16.08 -11.84 -4.63
N PRO B 60 -15.79 -10.67 -5.20
CA PRO B 60 -15.10 -9.62 -4.44
C PRO B 60 -16.00 -8.99 -3.39
N ALA B 61 -15.46 -8.74 -2.20
CA ALA B 61 -16.18 -8.01 -1.17
C ALA B 61 -16.54 -6.64 -1.72
N GLU B 62 -17.61 -6.05 -1.20
CA GLU B 62 -18.07 -4.77 -1.74
C GLU B 62 -18.44 -3.78 -0.64
N VAL B 63 -18.46 -2.51 -1.01
CA VAL B 63 -18.81 -1.44 -0.07
C VAL B 63 -19.40 -0.29 -0.85
N ASP B 64 -20.39 0.38 -0.28
CA ASP B 64 -21.00 1.50 -0.97
C ASP B 64 -20.21 2.77 -0.72
N VAL B 65 -19.94 3.47 -1.80
CA VAL B 65 -19.15 4.68 -1.73
C VAL B 65 -19.97 5.81 -2.31
N TYR B 66 -20.46 6.69 -1.44
CA TYR B 66 -21.35 7.76 -1.86
C TYR B 66 -22.50 7.24 -2.74
N GLY B 67 -23.07 6.10 -2.34
CA GLY B 67 -24.24 5.56 -3.02
C GLY B 67 -23.97 4.57 -4.14
N VAL B 68 -22.71 4.41 -4.53
CA VAL B 68 -22.32 3.49 -5.61
C VAL B 68 -21.54 2.28 -5.10
N ARG B 69 -21.92 1.09 -5.56
CA ARG B 69 -21.22 -0.14 -5.21
C ARG B 69 -19.81 -0.19 -5.76
N MET B 70 -18.83 -0.43 -4.88
CA MET B 70 -17.43 -0.55 -5.28
C MET B 70 -16.88 -1.88 -4.83
N ARG B 71 -15.99 -2.45 -5.63
CA ARG B 71 -15.36 -3.72 -5.29
C ARG B 71 -14.02 -3.48 -4.59
N LEU B 72 -13.76 -4.25 -3.54
CA LEU B 72 -12.43 -4.24 -2.93
C LEU B 72 -11.46 -4.92 -3.90
N THR B 73 -10.26 -4.38 -3.99
CA THR B 73 -9.30 -4.84 -5.00
C THR B 73 -8.92 -6.32 -4.80
N HIS B 74 -9.25 -7.13 -5.80
CA HIS B 74 -8.71 -8.49 -5.92
C HIS B 74 -7.29 -8.40 -6.44
N SER B 75 -7.10 -7.72 -7.58
CA SER B 75 -5.77 -7.33 -8.03
C SER B 75 -5.89 -6.11 -8.95
N MET B 76 -4.76 -5.44 -9.21
CA MET B 76 -4.78 -4.21 -9.99
C MET B 76 -4.53 -4.42 -11.48
N ILE B 77 -4.73 -5.65 -11.96
CA ILE B 77 -4.39 -5.98 -13.33
C ILE B 77 -5.03 -5.03 -14.34
N LEU B 78 -6.29 -4.71 -14.14
CA LEU B 78 -7.00 -3.86 -15.09
C LEU B 78 -6.49 -2.42 -15.01
N HIS B 79 -6.16 -1.99 -13.79
CA HIS B 79 -5.61 -0.65 -13.61
C HIS B 79 -4.18 -0.52 -14.16
N LYS B 80 -3.43 -1.62 -14.19
CA LYS B 80 -2.11 -1.61 -14.82
C LYS B 80 -2.25 -1.38 -16.31
N GLN B 81 -3.24 -2.02 -16.94
CA GLN B 81 -3.49 -1.82 -18.37
C GLN B 81 -3.98 -0.41 -18.65
N LEU B 82 -4.72 0.16 -17.71
CA LEU B 82 -5.16 1.54 -17.86
C LEU B 82 -4.00 2.52 -17.70
N ALA B 83 -3.08 2.23 -16.77
CA ALA B 83 -1.87 3.04 -16.64
C ALA B 83 -1.02 3.02 -17.92
N ILE B 84 -0.92 1.85 -18.57
CA ILE B 84 -0.21 1.76 -19.86
C ILE B 84 -0.94 2.60 -20.91
N ALA B 85 -2.27 2.53 -20.91
CA ALA B 85 -3.07 3.31 -21.85
C ALA B 85 -2.92 4.82 -21.64
N MET B 86 -2.47 5.21 -20.45
CA MET B 86 -2.22 6.62 -20.15
C MET B 86 -0.83 7.04 -20.57
N GLY B 87 -0.04 6.09 -21.06
CA GLY B 87 1.28 6.40 -21.58
C GLY B 87 2.39 6.48 -20.55
N LEU B 88 2.24 5.75 -19.44
CA LEU B 88 3.27 5.70 -18.41
C LEU B 88 4.42 4.72 -18.74
N GLU B 89 4.22 3.87 -19.75
CA GLU B 89 5.30 3.03 -20.32
C GLU B 89 5.71 1.79 -19.51
N LYS B 90 6.27 2.03 -18.33
CA LYS B 90 6.71 0.96 -17.42
C LYS B 90 6.32 1.41 -16.04
N ILE B 91 5.52 0.62 -15.35
CA ILE B 91 5.03 1.00 -14.03
C ILE B 91 5.10 -0.18 -13.08
N PHE B 92 5.22 0.09 -11.80
CA PHE B 92 5.01 -0.94 -10.80
C PHE B 92 4.36 -0.31 -9.60
N VAL B 93 3.75 -1.13 -8.76
CA VAL B 93 3.06 -0.67 -7.57
C VAL B 93 3.19 -1.78 -6.51
N LEU B 94 3.35 -1.41 -5.25
CA LEU B 94 3.19 -2.35 -4.14
C LEU B 94 1.71 -2.39 -3.79
N SER B 95 0.99 -3.33 -4.40
CA SER B 95 -0.47 -3.34 -4.36
C SER B 95 -1.04 -4.37 -3.37
N PRO B 96 -1.74 -3.88 -2.32
CA PRO B 96 -2.43 -4.80 -1.40
C PRO B 96 -3.61 -5.45 -2.11
N ASN B 97 -3.81 -6.74 -1.88
CA ASN B 97 -4.89 -7.49 -2.49
C ASN B 97 -5.78 -8.04 -1.40
N ILE B 98 -7.08 -8.18 -1.69
CA ILE B 98 -7.98 -8.85 -0.78
C ILE B 98 -8.58 -10.08 -1.46
N ARG B 99 -8.38 -11.25 -0.86
CA ARG B 99 -8.92 -12.50 -1.42
C ARG B 99 -9.47 -13.43 -0.35
N LEU B 100 -10.78 -13.38 -0.18
CA LEU B 100 -11.42 -14.11 0.91
C LEU B 100 -11.67 -15.58 0.52
N GLU B 101 -10.60 -16.38 0.56
CA GLU B 101 -10.67 -17.83 0.35
C GLU B 101 -11.15 -18.54 1.60
N SER B 102 -11.61 -19.78 1.45
CA SER B 102 -12.17 -20.54 2.56
C SER B 102 -11.08 -21.18 3.39
N ARG B 103 -11.48 -21.83 4.48
CA ARG B 103 -10.57 -22.59 5.34
C ARG B 103 -9.71 -23.59 4.56
N ARG B 104 -10.23 -24.07 3.42
CA ARG B 104 -9.52 -25.08 2.65
C ARG B 104 -8.19 -24.58 2.07
N LYS B 105 -8.11 -23.28 1.80
CA LYS B 105 -6.88 -22.71 1.25
C LYS B 105 -5.85 -22.37 2.33
N ASP B 106 -6.18 -22.64 3.59
CA ASP B 106 -5.21 -22.43 4.67
C ASP B 106 -4.16 -23.54 4.66
N ASP B 107 -3.26 -23.47 3.69
CA ASP B 107 -2.27 -24.51 3.47
C ASP B 107 -0.86 -24.07 3.82
N GLY B 108 -0.73 -22.89 4.43
CA GLY B 108 0.59 -22.37 4.80
C GLY B 108 1.14 -21.36 3.82
N ARG B 109 0.48 -21.19 2.67
CA ARG B 109 0.99 -20.27 1.67
C ARG B 109 -0.07 -19.30 1.19
N HIS B 110 -1.26 -19.35 1.79
CA HIS B 110 -2.29 -18.39 1.46
C HIS B 110 -2.57 -17.46 2.64
N SER B 111 -2.80 -16.18 2.33
CA SER B 111 -3.31 -15.24 3.32
C SER B 111 -4.41 -14.46 2.63
N TYR B 112 -5.43 -14.03 3.37
CA TYR B 112 -6.55 -13.35 2.70
C TYR B 112 -6.31 -11.85 2.42
N GLU B 113 -5.22 -11.33 2.98
CA GLU B 113 -4.67 -10.03 2.63
C GLU B 113 -3.19 -10.24 2.38
N PHE B 114 -2.71 -9.74 1.25
CA PHE B 114 -1.30 -9.82 0.95
C PHE B 114 -0.96 -8.68 -0.01
N THR B 115 0.33 -8.46 -0.24
CA THR B 115 0.76 -7.45 -1.20
C THR B 115 1.50 -8.14 -2.34
N GLN B 116 1.27 -7.69 -3.56
CA GLN B 116 2.17 -8.07 -4.63
C GLN B 116 2.86 -6.87 -5.25
N LEU B 117 4.12 -7.06 -5.57
CA LEU B 117 4.83 -6.09 -6.38
C LEU B 117 4.39 -6.33 -7.81
N ASP B 118 3.52 -5.45 -8.29
CA ASP B 118 2.79 -5.63 -9.53
C ASP B 118 3.33 -4.67 -10.58
N PHE B 119 3.77 -5.19 -11.72
CA PHE B 119 4.42 -4.33 -12.71
C PHE B 119 3.92 -4.63 -14.13
N GLU B 120 4.01 -3.64 -15.01
CA GLU B 120 3.54 -3.79 -16.40
C GLU B 120 4.45 -3.01 -17.33
N ILE B 121 4.59 -3.50 -18.56
CA ILE B 121 5.51 -2.91 -19.53
C ILE B 121 4.86 -2.80 -20.91
N GLU B 122 4.80 -1.59 -21.45
CA GLU B 122 4.26 -1.36 -22.78
C GLU B 122 5.06 -2.13 -23.84
N GLY B 123 4.40 -3.01 -24.58
CA GLY B 123 5.00 -3.66 -25.74
C GLY B 123 5.96 -4.81 -25.48
N ALA B 124 6.04 -5.25 -24.23
CA ALA B 124 6.93 -6.35 -23.87
C ALA B 124 6.34 -7.69 -24.28
N LYS B 125 7.21 -8.66 -24.53
CA LYS B 125 6.80 -10.01 -24.89
C LYS B 125 7.03 -10.95 -23.71
N MET B 126 6.37 -12.11 -23.72
CA MET B 126 6.43 -13.01 -22.56
C MET B 126 7.84 -13.42 -22.18
N LYS B 127 8.70 -13.69 -23.16
CA LYS B 127 10.09 -14.06 -22.86
C LYS B 127 10.90 -12.90 -22.25
N ASP B 128 10.56 -11.67 -22.61
CA ASP B 128 11.19 -10.48 -22.02
C ASP B 128 10.91 -10.37 -20.52
N VAL B 129 9.68 -10.69 -20.13
CA VAL B 129 9.28 -10.52 -18.74
C VAL B 129 9.84 -11.66 -17.89
N MET B 130 9.80 -12.87 -18.44
CA MET B 130 10.38 -14.03 -17.78
C MET B 130 11.86 -13.81 -17.52
N ARG B 131 12.57 -13.28 -18.52
CA ARG B 131 13.99 -13.00 -18.43
C ARG B 131 14.24 -11.92 -17.37
N LEU B 132 13.35 -10.94 -17.32
CA LEU B 132 13.45 -9.87 -16.34
C LEU B 132 13.23 -10.37 -14.91
N ILE B 133 12.26 -11.27 -14.73
CA ILE B 133 12.02 -11.85 -13.42
C ILE B 133 13.18 -12.76 -12.98
N GLU B 134 13.73 -13.51 -13.93
CA GLU B 134 14.89 -14.35 -13.65
C GLU B 134 16.06 -13.50 -13.19
N GLU B 135 16.30 -12.37 -13.87
CA GLU B 135 17.37 -11.47 -13.45
C GLU B 135 17.17 -10.98 -12.00
N LEU B 136 15.93 -10.65 -11.67
CA LEU B 136 15.58 -10.19 -10.32
C LEU B 136 15.76 -11.29 -9.27
N ILE B 137 15.19 -12.45 -9.52
CA ILE B 137 15.24 -13.54 -8.57
C ILE B 137 16.69 -14.00 -8.35
N TYR B 138 17.47 -14.07 -9.43
CA TYR B 138 18.85 -14.55 -9.31
C TYR B 138 19.68 -13.58 -8.45
N GLY B 139 19.60 -12.30 -8.77
CA GLY B 139 20.31 -11.31 -7.98
C GLY B 139 19.88 -11.35 -6.52
N LEU B 140 18.60 -11.59 -6.30
CA LEU B 140 18.04 -11.57 -4.95
C LEU B 140 18.50 -12.76 -4.14
N PHE B 141 18.57 -13.92 -4.78
CA PHE B 141 19.05 -15.12 -4.12
C PHE B 141 20.53 -15.00 -3.74
N ARG B 142 21.32 -14.28 -4.53
CA ARG B 142 22.75 -14.16 -4.19
C ARG B 142 22.88 -13.27 -2.95
N LYS B 143 22.05 -12.25 -2.86
CA LYS B 143 22.02 -11.38 -1.69
C LYS B 143 21.52 -12.13 -0.46
N ALA B 144 20.48 -12.94 -0.66
CA ALA B 144 19.86 -13.67 0.43
C ALA B 144 20.89 -14.60 1.08
N GLU B 145 21.88 -15.01 0.29
CA GLU B 145 22.99 -15.81 0.80
C GLU B 145 23.92 -14.95 1.67
N GLU B 146 24.17 -13.72 1.27
CA GLU B 146 24.97 -12.81 2.09
C GLU B 146 24.23 -12.39 3.36
N TRP B 147 22.90 -12.24 3.26
CA TRP B 147 22.10 -11.83 4.41
C TRP B 147 21.98 -12.92 5.46
N THR B 148 21.76 -14.15 5.02
CA THR B 148 21.35 -15.23 5.91
C THR B 148 22.33 -16.39 5.94
N GLY B 149 23.56 -16.17 5.50
CA GLY B 149 24.57 -17.22 5.44
C GLY B 149 24.07 -18.60 5.06
N ARG B 150 23.02 -18.67 4.25
CA ARG B 150 22.51 -19.95 3.74
C ARG B 150 22.63 -20.03 2.22
N GLU B 151 22.39 -21.21 1.66
CA GLU B 151 22.48 -21.40 0.22
C GLU B 151 21.10 -21.50 -0.43
N PHE B 152 20.95 -20.83 -1.58
CA PHE B 152 19.70 -20.80 -2.34
C PHE B 152 19.90 -21.31 -3.76
N PRO B 153 18.80 -21.62 -4.47
CA PRO B 153 18.89 -22.11 -5.85
C PRO B 153 19.79 -21.23 -6.69
N ARG B 154 20.55 -21.82 -7.60
CA ARG B 154 21.65 -21.12 -8.27
C ARG B 154 21.43 -20.81 -9.75
N ALA B 155 20.48 -21.49 -10.39
CA ALA B 155 20.27 -21.31 -11.82
C ALA B 155 20.06 -19.85 -12.22
N ARG B 156 20.63 -19.45 -13.36
CA ARG B 156 20.40 -18.10 -13.88
C ARG B 156 19.10 -18.07 -14.66
N HIS B 157 18.72 -19.24 -15.18
CA HIS B 157 17.46 -19.39 -15.89
C HIS B 157 16.79 -20.66 -15.40
N PHE B 158 15.46 -20.68 -15.44
CA PHE B 158 14.70 -21.80 -14.91
C PHE B 158 14.03 -22.60 -16.02
N LYS B 159 13.80 -23.88 -15.76
CA LYS B 159 13.16 -24.74 -16.74
C LYS B 159 11.73 -24.29 -17.00
N VAL B 160 11.30 -24.46 -18.25
CA VAL B 160 9.95 -24.09 -18.66
C VAL B 160 9.12 -25.33 -18.97
N TYR B 161 8.06 -25.53 -18.19
CA TYR B 161 7.10 -26.62 -18.41
C TYR B 161 5.81 -26.05 -18.97
N ASP B 162 5.26 -26.71 -19.99
CA ASP B 162 3.91 -26.39 -20.44
C ASP B 162 2.91 -26.90 -19.38
N TYR B 163 1.83 -26.16 -19.17
CA TYR B 163 0.81 -26.53 -18.19
C TYR B 163 0.44 -28.01 -18.32
N LYS B 164 0.22 -28.45 -19.55
CA LYS B 164 -0.13 -29.85 -19.81
C LYS B 164 0.96 -30.85 -19.40
N ASP B 165 2.23 -30.52 -19.62
CA ASP B 165 3.31 -31.38 -19.17
C ASP B 165 3.34 -31.48 -17.64
N ILE B 166 2.95 -30.40 -16.96
CA ILE B 166 2.86 -30.42 -15.51
C ILE B 166 1.77 -31.39 -15.06
N LEU B 167 0.59 -31.27 -15.66
CA LEU B 167 -0.52 -32.15 -15.34
C LEU B 167 -0.16 -33.60 -15.58
N GLU B 168 0.55 -33.83 -16.68
CA GLU B 168 0.90 -35.18 -17.10
C GLU B 168 1.86 -35.84 -16.12
N GLU B 169 2.95 -35.14 -15.80
CA GLU B 169 4.05 -35.76 -15.06
C GLU B 169 3.86 -35.78 -13.54
N PHE B 170 3.26 -34.72 -13.00
CA PHE B 170 3.15 -34.56 -11.55
C PHE B 170 1.70 -34.55 -11.09
N GLY B 171 0.78 -34.35 -12.04
CA GLY B 171 -0.63 -34.30 -11.71
C GLY B 171 -1.10 -32.89 -11.40
N SER B 172 -0.39 -32.21 -10.51
CA SER B 172 -0.77 -30.85 -10.15
C SER B 172 0.46 -29.97 -9.95
N ASP B 173 0.26 -28.65 -9.96
CA ASP B 173 1.34 -27.71 -9.66
C ASP B 173 1.81 -27.92 -8.23
N GLU B 174 0.93 -28.47 -7.41
CA GLU B 174 1.24 -28.81 -6.02
C GLU B 174 2.38 -29.83 -5.99
N LYS B 175 2.14 -30.98 -6.62
CA LYS B 175 3.10 -32.06 -6.65
C LYS B 175 4.39 -31.64 -7.37
N ALA B 176 4.22 -30.90 -8.47
CA ALA B 176 5.36 -30.33 -9.18
C ALA B 176 6.28 -29.57 -8.22
N SER B 177 5.72 -28.60 -7.49
CA SER B 177 6.51 -27.81 -6.54
C SER B 177 7.26 -28.71 -5.54
N MET B 178 6.57 -29.69 -5.00
CA MET B 178 7.19 -30.60 -4.05
C MET B 178 8.43 -31.30 -4.59
N GLU B 179 8.37 -31.73 -5.86
CA GLU B 179 9.42 -32.55 -6.44
C GLU B 179 10.67 -31.79 -6.86
N MET B 180 10.51 -30.50 -7.16
CA MET B 180 11.60 -29.71 -7.72
C MET B 180 12.54 -29.12 -6.65
N GLU B 181 13.74 -28.73 -7.07
CA GLU B 181 14.73 -28.11 -6.19
C GLU B 181 15.27 -26.81 -6.80
N GLU B 182 14.75 -26.49 -7.98
CA GLU B 182 15.04 -25.20 -8.60
C GLU B 182 13.70 -24.53 -8.94
N PRO B 183 13.65 -23.20 -8.92
CA PRO B 183 12.42 -22.56 -9.39
C PRO B 183 12.15 -23.03 -10.81
N PHE B 184 10.90 -23.02 -11.25
CA PHE B 184 10.60 -23.42 -12.61
C PHE B 184 9.35 -22.73 -13.08
N TRP B 185 9.21 -22.60 -14.40
CA TRP B 185 8.10 -21.88 -15.00
C TRP B 185 7.03 -22.86 -15.42
N ILE B 186 5.78 -22.48 -15.25
CA ILE B 186 4.68 -23.16 -15.89
C ILE B 186 4.07 -22.16 -16.87
N VAL B 187 3.96 -22.53 -18.15
CA VAL B 187 3.47 -21.59 -19.15
C VAL B 187 2.24 -22.11 -19.88
N ASN B 188 1.59 -21.24 -20.66
CA ASN B 188 0.44 -21.66 -21.46
C ASN B 188 -0.69 -22.17 -20.58
N ILE B 189 -1.15 -21.33 -19.66
CA ILE B 189 -2.18 -21.70 -18.69
C ILE B 189 -3.51 -21.02 -18.99
N PRO B 190 -4.53 -21.80 -19.39
CA PRO B 190 -5.85 -21.20 -19.64
C PRO B 190 -6.34 -20.38 -18.44
N ARG B 191 -6.59 -19.09 -18.65
CA ARG B 191 -6.92 -18.18 -17.54
C ARG B 191 -8.01 -17.15 -17.85
N GLU B 192 -7.74 -15.89 -17.52
CA GLU B 192 -8.76 -14.84 -17.57
C GLU B 192 -8.68 -14.06 -18.88
N PHE B 193 -9.66 -13.19 -19.11
CA PHE B 193 -9.80 -12.50 -20.38
C PHE B 193 -8.66 -11.54 -20.69
N TYR B 194 -7.98 -11.05 -19.66
CA TYR B 194 -6.87 -10.13 -19.89
C TYR B 194 -5.61 -10.80 -20.42
N ASP B 195 -5.42 -12.09 -20.15
CA ASP B 195 -4.26 -12.79 -20.68
C ASP B 195 -4.44 -13.04 -22.17
N ARG B 196 -3.39 -12.75 -22.95
CA ARG B 196 -3.44 -12.89 -24.39
C ARG B 196 -3.44 -14.36 -24.81
N GLU B 197 -4.37 -14.71 -25.69
CA GLU B 197 -4.41 -16.04 -26.27
C GLU B 197 -4.29 -15.90 -27.76
N GLU B 198 -3.37 -16.64 -28.37
CA GLU B 198 -3.22 -16.62 -29.82
C GLU B 198 -2.94 -18.02 -30.37
N ASN B 199 -3.72 -18.42 -31.36
CA ASN B 199 -3.57 -19.75 -31.95
C ASN B 199 -3.68 -20.84 -30.89
N GLY B 200 -4.58 -20.65 -29.93
CA GLY B 200 -4.79 -21.62 -28.87
C GLY B 200 -3.69 -21.66 -27.82
N VAL B 201 -2.69 -20.78 -27.95
CA VAL B 201 -1.62 -20.72 -26.96
C VAL B 201 -1.74 -19.47 -26.10
N TRP B 202 -1.83 -19.66 -24.78
CA TRP B 202 -1.87 -18.53 -23.84
C TRP B 202 -0.46 -18.03 -23.56
N LYS B 203 -0.23 -16.74 -23.78
CA LYS B 203 1.09 -16.14 -23.59
C LYS B 203 1.32 -15.71 -22.14
N ASN B 204 1.24 -16.66 -21.21
CA ASN B 204 1.32 -16.34 -19.78
C ASN B 204 2.25 -17.29 -19.03
N TYR B 205 2.51 -17.00 -17.77
CA TYR B 205 3.61 -17.67 -17.08
C TYR B 205 3.51 -17.52 -15.57
N ASP B 206 3.75 -18.63 -14.87
CA ASP B 206 3.84 -18.62 -13.41
C ASP B 206 5.20 -19.12 -12.96
N LEU B 207 5.87 -18.36 -12.10
CA LEU B 207 7.12 -18.85 -11.55
C LEU B 207 6.84 -19.59 -10.26
N ILE B 208 7.30 -20.84 -10.21
CA ILE B 208 7.04 -21.72 -9.09
C ILE B 208 8.32 -21.95 -8.29
N LEU B 209 8.22 -21.83 -6.97
CA LEU B 209 9.37 -22.10 -6.11
C LEU B 209 9.46 -23.60 -5.80
N PRO B 210 10.68 -24.06 -5.50
CA PRO B 210 10.93 -25.48 -5.20
C PRO B 210 10.56 -25.85 -3.77
N TYR B 211 10.74 -27.13 -3.44
CA TYR B 211 10.56 -27.62 -2.08
C TYR B 211 9.15 -27.44 -1.54
N GLY B 212 8.17 -27.44 -2.44
CA GLY B 212 6.78 -27.34 -2.06
C GLY B 212 6.29 -25.94 -1.67
N TYR B 213 7.11 -24.91 -1.84
CA TYR B 213 6.71 -23.56 -1.42
C TYR B 213 5.62 -22.96 -2.33
N GLY B 214 5.54 -23.44 -3.57
CA GLY B 214 4.50 -23.01 -4.48
C GLY B 214 4.80 -21.76 -5.27
N GLU B 215 3.76 -21.22 -5.91
CA GLU B 215 3.87 -20.07 -6.79
C GLU B 215 4.38 -18.83 -6.09
N VAL B 216 5.24 -18.07 -6.77
CA VAL B 216 5.69 -16.79 -6.22
C VAL B 216 5.37 -15.62 -7.15
N SER B 217 5.32 -15.88 -8.46
CA SER B 217 5.00 -14.83 -9.43
C SER B 217 4.05 -15.37 -10.49
N SER B 218 3.24 -14.46 -11.05
CA SER B 218 2.29 -14.82 -12.10
C SER B 218 2.13 -13.65 -13.05
N GLY B 219 2.04 -13.92 -14.34
CA GLY B 219 1.91 -12.85 -15.31
C GLY B 219 1.62 -13.33 -16.71
N GLY B 220 1.58 -12.40 -17.65
CA GLY B 220 1.39 -12.72 -19.05
C GLY B 220 1.34 -11.49 -19.94
N GLU B 221 1.40 -11.73 -21.25
CA GLU B 221 1.07 -10.69 -22.21
C GLU B 221 -0.44 -10.45 -22.15
N ARG B 222 -0.90 -9.31 -22.64
CA ARG B 222 -2.31 -8.97 -22.47
C ARG B 222 -3.09 -8.86 -23.77
N GLU B 223 -4.40 -9.09 -23.68
CA GLU B 223 -5.32 -8.69 -24.72
C GLU B 223 -5.53 -7.17 -24.64
N TRP B 224 -5.67 -6.53 -25.79
CA TRP B 224 -5.87 -5.08 -25.84
C TRP B 224 -6.99 -4.75 -26.82
N GLU B 225 -7.45 -5.76 -27.55
CA GLU B 225 -8.47 -5.58 -28.58
C GLU B 225 -9.88 -5.90 -28.07
N TYR B 226 -10.78 -4.91 -28.22
CA TYR B 226 -12.15 -4.99 -27.72
C TYR B 226 -12.90 -6.30 -28.02
N GLU B 227 -13.06 -6.62 -29.30
CA GLU B 227 -13.84 -7.79 -29.70
C GLU B 227 -13.32 -9.07 -29.06
N LYS B 228 -11.99 -9.22 -29.04
CA LYS B 228 -11.39 -10.41 -28.48
C LYS B 228 -11.67 -10.48 -26.98
N ILE B 229 -11.49 -9.34 -26.31
CA ILE B 229 -11.74 -9.26 -24.88
C ILE B 229 -13.21 -9.58 -24.57
N VAL B 230 -14.13 -8.94 -25.26
CA VAL B 230 -15.54 -9.15 -24.99
C VAL B 230 -15.96 -10.61 -25.19
N ALA B 231 -15.38 -11.24 -26.22
CA ALA B 231 -15.66 -12.64 -26.51
C ALA B 231 -15.28 -13.55 -25.34
N LYS B 232 -14.09 -13.33 -24.78
CA LYS B 232 -13.61 -14.14 -23.66
C LYS B 232 -14.40 -13.90 -22.39
N ILE B 233 -14.83 -12.67 -22.16
CA ILE B 233 -15.69 -12.36 -21.03
C ILE B 233 -17.05 -13.07 -21.14
N ARG B 234 -17.72 -12.90 -22.28
CA ARG B 234 -18.99 -13.58 -22.51
C ARG B 234 -18.80 -15.08 -22.38
N ALA B 235 -17.76 -15.58 -23.04
CA ALA B 235 -17.46 -17.00 -23.06
C ALA B 235 -17.31 -17.60 -21.66
N ALA B 236 -16.83 -16.79 -20.71
CA ALA B 236 -16.66 -17.26 -19.34
C ALA B 236 -17.93 -17.05 -18.52
N GLY B 237 -18.93 -16.43 -19.12
CA GLY B 237 -20.19 -16.20 -18.44
C GLY B 237 -20.13 -15.08 -17.43
N LEU B 238 -19.15 -14.18 -17.60
CA LEU B 238 -19.07 -12.99 -16.78
C LEU B 238 -19.94 -11.91 -17.43
N LYS B 239 -20.44 -10.98 -16.61
CA LYS B 239 -21.25 -9.88 -17.11
C LYS B 239 -20.35 -8.72 -17.55
N GLU B 240 -20.48 -8.31 -18.81
CA GLU B 240 -19.66 -7.23 -19.35
C GLU B 240 -19.80 -5.91 -18.57
N ASP B 241 -20.86 -5.78 -17.78
CA ASP B 241 -21.07 -4.53 -17.05
C ASP B 241 -20.29 -4.47 -15.74
N SER B 242 -19.59 -5.56 -15.44
CA SER B 242 -18.67 -5.58 -14.30
C SER B 242 -17.37 -4.92 -14.72
N PHE B 243 -17.24 -4.64 -16.01
CA PHE B 243 -16.02 -4.09 -16.58
C PHE B 243 -16.29 -2.91 -17.51
N ARG B 244 -17.45 -2.27 -17.31
CA ARG B 244 -17.95 -1.26 -18.23
C ARG B 244 -16.95 -0.16 -18.63
N PRO B 245 -16.39 0.58 -17.65
CA PRO B 245 -15.46 1.66 -17.99
C PRO B 245 -14.17 1.15 -18.64
N TYR B 246 -13.75 -0.05 -18.28
CA TYR B 246 -12.59 -0.67 -18.89
C TYR B 246 -12.89 -0.94 -20.37
N LEU B 247 -14.05 -1.52 -20.61
CA LEU B 247 -14.49 -1.86 -21.97
C LEU B 247 -14.72 -0.63 -22.83
N GLU B 248 -14.99 0.51 -22.21
CA GLU B 248 -15.17 1.74 -22.98
C GLU B 248 -13.83 2.29 -23.45
N ILE B 249 -12.78 2.05 -22.69
CA ILE B 249 -11.44 2.40 -23.13
C ILE B 249 -10.95 1.41 -24.18
N ALA B 250 -11.31 0.14 -24.02
CA ALA B 250 -10.99 -0.88 -25.02
C ALA B 250 -11.71 -0.58 -26.33
N ARG B 251 -12.95 -0.11 -26.24
CA ARG B 251 -13.75 0.21 -27.42
C ARG B 251 -13.17 1.42 -28.14
N ALA B 252 -12.65 2.37 -27.38
CA ALA B 252 -12.01 3.55 -27.96
C ALA B 252 -10.65 3.23 -28.56
N GLY B 253 -10.26 1.96 -28.52
CA GLY B 253 -8.99 1.51 -29.06
C GLY B 253 -7.79 2.13 -28.36
N LYS B 254 -7.93 2.35 -27.06
CA LYS B 254 -6.87 3.01 -26.30
C LYS B 254 -6.01 2.07 -25.44
N LEU B 255 -6.40 0.80 -25.35
CA LEU B 255 -5.51 -0.19 -24.75
C LEU B 255 -4.32 -0.44 -25.68
N LYS B 256 -3.16 -0.67 -25.11
CA LYS B 256 -1.94 -0.91 -25.88
C LYS B 256 -1.43 -2.29 -25.54
N PRO B 257 -0.67 -2.92 -26.46
CA PRO B 257 -0.07 -4.22 -26.13
C PRO B 257 0.92 -4.04 -24.99
N SER B 258 0.95 -4.99 -24.06
CA SER B 258 1.87 -4.92 -22.92
C SER B 258 1.97 -6.28 -22.28
N ALA B 259 2.91 -6.41 -21.35
CA ALA B 259 3.10 -7.65 -20.59
C ALA B 259 3.59 -7.29 -19.20
N GLY B 260 3.32 -8.16 -18.22
CA GLY B 260 3.80 -7.91 -16.88
C GLY B 260 3.62 -9.11 -15.97
N ALA B 261 3.69 -8.85 -14.68
CA ALA B 261 3.56 -9.91 -13.69
C ALA B 261 3.40 -9.28 -12.33
N GLY B 262 2.98 -10.08 -11.36
CA GLY B 262 2.95 -9.65 -9.98
C GLY B 262 3.76 -10.62 -9.14
N ILE B 263 4.53 -10.09 -8.21
CA ILE B 263 5.36 -10.90 -7.32
C ILE B 263 4.81 -10.86 -5.89
N GLY B 264 4.46 -12.03 -5.35
CA GLY B 264 3.94 -12.13 -3.99
C GLY B 264 5.01 -11.86 -2.94
N VAL B 265 4.97 -10.69 -2.32
CA VAL B 265 6.02 -10.28 -1.40
C VAL B 265 6.14 -11.22 -0.18
N GLU B 266 5.02 -11.49 0.49
CA GLU B 266 5.03 -12.37 1.67
C GLU B 266 5.50 -13.79 1.31
N ARG B 267 5.12 -14.28 0.14
CA ARG B 267 5.54 -15.61 -0.29
C ARG B 267 7.04 -15.67 -0.50
N LEU B 268 7.59 -14.59 -1.06
CA LEU B 268 9.03 -14.48 -1.25
C LEU B 268 9.72 -14.38 0.11
N VAL B 269 9.21 -13.54 1.00
CA VAL B 269 9.79 -13.42 2.33
C VAL B 269 9.76 -14.78 3.03
N ARG B 270 8.63 -15.47 2.94
CA ARG B 270 8.50 -16.80 3.53
C ARG B 270 9.59 -17.75 3.05
N PHE B 271 9.86 -17.74 1.74
CA PHE B 271 10.84 -18.65 1.15
C PHE B 271 12.23 -18.36 1.67
N ILE B 272 12.60 -17.09 1.70
CA ILE B 272 13.95 -16.70 2.10
C ILE B 272 14.21 -16.91 3.60
N VAL B 273 13.20 -16.69 4.43
CA VAL B 273 13.34 -16.96 5.87
C VAL B 273 13.18 -18.44 6.18
N GLY B 274 12.52 -19.18 5.29
CA GLY B 274 12.27 -20.60 5.48
C GLY B 274 11.12 -20.89 6.44
N ALA B 275 10.10 -20.04 6.44
CA ALA B 275 9.00 -20.22 7.39
C ALA B 275 8.04 -21.30 6.94
N LYS B 276 7.54 -22.07 7.89
CA LYS B 276 6.60 -23.16 7.61
C LYS B 276 5.23 -22.64 7.14
N HIS B 277 4.72 -21.62 7.83
CA HIS B 277 3.43 -21.02 7.48
C HIS B 277 3.64 -19.53 7.22
N ILE B 278 2.97 -19.02 6.18
CA ILE B 278 3.13 -17.63 5.77
C ILE B 278 2.74 -16.65 6.89
N ALA B 279 1.89 -17.12 7.80
CA ALA B 279 1.45 -16.28 8.91
C ALA B 279 2.62 -15.85 9.78
N GLU B 280 3.68 -16.67 9.81
CA GLU B 280 4.85 -16.36 10.63
C GLU B 280 5.67 -15.15 10.14
N VAL B 281 5.46 -14.71 8.90
CA VAL B 281 6.16 -13.51 8.42
C VAL B 281 5.24 -12.29 8.37
N GLN B 282 4.01 -12.44 8.87
CA GLN B 282 3.05 -11.33 8.93
C GLN B 282 2.83 -10.86 10.37
N PRO B 283 3.09 -9.58 10.65
CA PRO B 283 2.88 -9.09 12.02
C PRO B 283 1.43 -9.27 12.44
N PHE B 284 0.50 -9.15 11.49
CA PHE B 284 -0.93 -9.31 11.75
C PHE B 284 -1.48 -10.39 10.79
N PRO B 285 -1.50 -11.64 11.25
CA PRO B 285 -1.86 -12.75 10.35
C PRO B 285 -3.24 -12.56 9.75
N ARG B 286 -3.39 -12.99 8.51
CA ARG B 286 -4.66 -12.95 7.82
C ARG B 286 -4.88 -14.36 7.25
N VAL B 287 -5.30 -15.29 8.11
CA VAL B 287 -5.41 -16.69 7.73
C VAL B 287 -6.78 -17.02 7.13
N PRO B 288 -6.77 -17.66 5.94
CA PRO B 288 -8.02 -17.91 5.23
C PRO B 288 -8.99 -18.66 6.12
N GLY B 289 -10.22 -18.18 6.16
CA GLY B 289 -11.26 -18.80 6.95
C GLY B 289 -11.24 -18.38 8.41
N ILE B 290 -10.22 -17.64 8.81
CA ILE B 290 -10.14 -17.14 10.19
C ILE B 290 -10.08 -15.63 10.27
N PRO B 291 -11.24 -14.99 10.51
CA PRO B 291 -11.32 -13.52 10.62
C PRO B 291 -10.31 -12.99 11.62
N ALA B 292 -9.50 -12.02 11.21
CA ALA B 292 -8.40 -11.57 12.04
C ALA B 292 -8.86 -10.97 13.38
N VAL B 293 -8.17 -11.31 14.45
CA VAL B 293 -8.40 -10.71 15.77
C VAL B 293 -7.93 -9.26 15.80
N ILE B 294 -6.84 -8.99 15.09
CA ILE B 294 -6.28 -7.66 14.98
C ILE B 294 -5.69 -7.50 13.58
N ASN C . -0.30 8.94 10.91
CA ASN C . -0.77 9.79 12.01
C ASN C . 0.13 9.70 13.23
O ASN C . 1.16 9.03 13.21
CB ASN C . -2.20 9.40 12.41
CG ASN C . -3.24 9.95 11.47
OD1 ASN C . -3.28 9.59 10.29
ND2 ASN C . -4.12 10.80 12.00
OXT ASN C . -0.15 10.30 14.28
P AMP D . -4.09 12.48 9.24
O1P AMP D . -4.89 13.61 8.73
O2P AMP D . -3.22 12.67 10.49
O3P AMP D . -5.11 11.48 9.66
O5' AMP D . -3.25 11.81 8.07
C5' AMP D . -1.85 11.99 7.98
C4' AMP D . -1.47 12.69 6.70
O4' AMP D . -2.10 12.05 5.57
C3' AMP D . -1.91 14.14 6.59
O3' AMP D . -1.05 15.04 7.27
C2' AMP D . -1.96 14.37 5.09
O2' AMP D . -0.66 14.59 4.58
C1' AMP D . -2.45 13.01 4.60
N9 AMP D . -3.91 12.98 4.40
C8 AMP D . -4.86 12.89 5.36
N7 AMP D . -6.05 12.88 4.74
C5 AMP D . -5.85 12.95 3.40
C6 AMP D . -6.69 12.97 2.29
N6 AMP D . -8.18 12.90 2.51
N1 AMP D . -6.17 13.05 1.06
C2 AMP D . -4.84 13.11 0.88
N3 AMP D . -4.01 13.09 1.92
C4 AMP D . -4.47 13.02 3.19
MG MG E . -3.86 15.25 10.45
N ASN F . -0.45 -10.17 -11.00
CA ASN F . -0.93 -11.05 -12.06
C ASN F . -0.67 -10.48 -13.45
O ASN F . 0.04 -9.47 -13.60
CB ASN F . -2.43 -11.35 -11.88
CG ASN F . -2.75 -12.00 -10.54
OD1 ASN F . -1.89 -12.66 -9.92
ND2 ASN F . -3.97 -11.83 -10.08
OXT ASN F . -1.15 -11.00 -14.46
P AMP G . -2.64 -20.31 -5.75
O1P AMP G . -1.32 -20.15 -5.14
O2P AMP G . -3.81 -20.81 -4.89
O3P AMP G . -2.47 -21.36 -6.78
O5' AMP G . -3.06 -18.99 -6.55
C5' AMP G . -2.08 -18.12 -7.11
C4' AMP G . -2.49 -16.66 -6.98
O4' AMP G . -2.28 -16.24 -5.61
C3' AMP G . -1.73 -15.67 -7.87
O3' AMP G . -2.67 -14.81 -8.54
C2' AMP G . -0.92 -14.83 -6.86
O2' AMP G . -0.71 -13.50 -7.25
C1' AMP G . -1.79 -14.93 -5.61
N9 AMP G . -1.07 -14.71 -4.35
C8 AMP G . 0.18 -14.25 -4.17
N7 AMP G . 0.43 -14.24 -2.83
C5 AMP G . -0.67 -14.69 -2.19
C6 AMP G . -0.99 -14.90 -0.84
N6 AMP G . -0.02 -14.58 0.25
N1 AMP G . -2.21 -15.37 -0.52
C2 AMP G . -3.11 -15.66 -1.48
N3 AMP G . -2.80 -15.48 -2.77
C4 AMP G . -1.61 -15.01 -3.15
#